data_4Z2B
#
_entry.id   4Z2B
#
_cell.length_a   56.309
_cell.length_b   66.532
_cell.length_c   124.880
_cell.angle_alpha   90.00
_cell.angle_beta   90.00
_cell.angle_gamma   90.00
#
_symmetry.space_group_name_H-M   'P 21 21 21'
#
loop_
_entity.id
_entity.type
_entity.pdbx_description
1 polymer "2',5'-phosphodiesterase 12"
2 non-polymer 'SULFATE ION'
3 non-polymer 1,2-ETHANEDIOL
4 non-polymer 2-AMINO-2-HYDROXYMETHYL-PROPANE-1,3-DIOL
5 non-polymer 3-(6-{[(2S,3S)-3-(hydroxymethyl)-2-phenylmorpholin-4-yl]carbonyl}-1-methyl-1H-benzimidazol-2-yl)-1H-indole-6-carbonitrile
6 non-polymer 'MAGNESIUM ION'
7 water water
#
_entity_poly.entity_id   1
_entity_poly.type   'polypeptide(L)'
_entity_poly.pdbx_seq_one_letter_code
;YKVERNPPAFTELQLPRYIMAGFPVCPKLSLEFGDPASSLFRWYKEAKPGAAEPEVGVPSSLSPSSPSSSWTETDVEERV
YTPSNADIGLRLKLHCTPGDGQRFGHSRELESVCVVEAGPGTCTFDHRHLYTKKVTEDALIRTVSYNILADTYAQTEFSR
TVLYPYCAPYALELDYRQNLIQKELTGYNADVICLQEVDRAVFSDSLVPALEAFGLEGVFRIKQHEGLATFYRKSKFSLL
SQHDISFYEALESDPLHKELLEKLVLYPSAQEKVLQRSSVLQVSVLQSTKDSSKRICVANTHLYWHPKGGYIRLIQMAVA
LAHIRHVSCDLYPGIPVIFCGDFNSTPSTGMYHFVINGSIPEDHEDWASNGEEERCNMSLTHFFKLKSACGEPAYTNYVG
GFHGCLDYIFIDLNALEVEQVIPLPSHEEVTTHQALPSVSHPSDHIALVCDLKWK
;
_entity_poly.pdbx_strand_id   A
#
# COMPACT_ATOMS: atom_id res chain seq x y z
N PRO A 7 17.84 29.84 5.78
CA PRO A 7 17.31 29.90 4.40
C PRO A 7 16.66 28.58 3.95
N PRO A 8 15.63 28.60 3.06
CA PRO A 8 15.04 27.33 2.58
C PRO A 8 16.06 26.56 1.75
N ALA A 9 16.23 25.27 2.07
CA ALA A 9 17.24 24.42 1.43
C ALA A 9 16.80 22.97 1.43
N PHE A 10 17.19 22.21 0.38
CA PHE A 10 16.86 20.78 0.31
C PHE A 10 17.90 19.96 1.09
N THR A 11 17.46 19.20 2.12
CA THR A 11 18.32 18.33 2.94
C THR A 11 18.52 16.99 2.20
N GLU A 12 17.50 16.55 1.42
CA GLU A 12 17.52 15.38 0.54
C GLU A 12 17.02 15.80 -0.83
N LEU A 13 17.66 15.33 -1.92
CA LEU A 13 17.22 15.59 -3.28
C LEU A 13 17.73 14.45 -4.11
N GLN A 14 16.81 13.55 -4.54
CA GLN A 14 17.14 12.32 -5.24
C GLN A 14 16.16 12.01 -6.35
N LEU A 15 16.68 11.47 -7.46
CA LEU A 15 15.84 11.03 -8.55
C LEU A 15 15.82 9.50 -8.53
N PRO A 16 14.79 8.87 -9.14
CA PRO A 16 14.75 7.41 -9.17
C PRO A 16 15.90 6.77 -9.94
N ARG A 17 16.23 5.53 -9.54
CA ARG A 17 17.27 4.69 -10.10
C ARG A 17 16.85 4.19 -11.52
N TYR A 18 15.53 4.11 -11.75
CA TYR A 18 14.95 3.55 -12.97
C TYR A 18 13.76 4.40 -13.41
N ILE A 19 13.72 4.70 -14.72
CA ILE A 19 12.69 5.55 -15.32
C ILE A 19 12.14 4.87 -16.58
N MET A 20 10.80 4.87 -16.72
CA MET A 20 10.09 4.27 -17.85
C MET A 20 9.10 5.21 -18.46
N ALA A 21 9.03 5.20 -19.79
CA ALA A 21 8.05 5.98 -20.53
C ALA A 21 6.61 5.60 -20.06
N GLY A 22 5.82 6.63 -19.75
CA GLY A 22 4.43 6.47 -19.27
C GLY A 22 4.33 6.26 -17.76
N PHE A 23 5.46 6.28 -17.02
CA PHE A 23 5.48 6.05 -15.57
C PHE A 23 6.04 7.29 -14.88
N PRO A 24 5.49 7.67 -13.70
CA PRO A 24 5.89 8.94 -13.08
C PRO A 24 7.29 8.91 -12.49
N VAL A 25 8.04 9.98 -12.70
CA VAL A 25 9.38 10.16 -12.11
C VAL A 25 9.12 11.01 -10.87
N CYS A 26 9.22 10.39 -9.69
CA CYS A 26 8.87 11.02 -8.42
C CYS A 26 10.11 11.36 -7.63
N PRO A 27 10.55 12.63 -7.60
CA PRO A 27 11.75 12.98 -6.83
C PRO A 27 11.54 12.80 -5.32
N LYS A 28 12.61 12.44 -4.61
CA LYS A 28 12.64 12.34 -3.15
C LYS A 28 13.26 13.62 -2.69
N LEU A 29 12.56 14.33 -1.81
CA LEU A 29 13.05 15.60 -1.31
C LEU A 29 12.70 15.81 0.14
N SER A 30 13.62 16.43 0.85
CA SER A 30 13.42 16.84 2.24
C SER A 30 13.85 18.27 2.32
N LEU A 31 13.06 19.08 2.99
CA LEU A 31 13.21 20.52 3.08
C LEU A 31 13.51 21.01 4.49
N GLU A 32 14.42 21.99 4.60
CA GLU A 32 14.73 22.66 5.86
C GLU A 32 14.42 24.15 5.67
N PHE A 33 13.74 24.77 6.67
CA PHE A 33 13.34 26.19 6.72
C PHE A 33 12.53 26.63 5.47
N GLY A 34 11.53 25.84 5.09
CA GLY A 34 10.69 26.12 3.92
C GLY A 34 9.40 25.34 3.87
N ASP A 35 8.43 25.84 3.07
CA ASP A 35 7.09 25.26 2.87
C ASP A 35 7.02 24.39 1.60
N PRO A 36 6.39 23.18 1.66
CA PRO A 36 6.33 22.31 0.46
C PRO A 36 5.51 22.88 -0.70
N ALA A 37 4.50 23.71 -0.41
CA ALA A 37 3.67 24.33 -1.46
C ALA A 37 4.41 25.48 -2.19
N SER A 38 5.56 25.95 -1.64
CA SER A 38 6.33 27.06 -2.23
C SER A 38 7.43 26.59 -3.20
N SER A 39 7.73 25.27 -3.25
CA SER A 39 8.77 24.70 -4.11
C SER A 39 8.50 24.94 -5.59
N LEU A 40 9.56 25.28 -6.36
CA LEU A 40 9.47 25.48 -7.80
C LEU A 40 10.19 24.34 -8.52
N PHE A 41 9.64 23.88 -9.65
CA PHE A 41 10.22 22.76 -10.41
C PHE A 41 10.25 23.07 -11.91
N ARG A 42 11.31 22.62 -12.59
CA ARG A 42 11.39 22.73 -14.03
C ARG A 42 12.15 21.51 -14.54
N TRP A 43 11.53 20.72 -15.42
CA TRP A 43 12.12 19.53 -15.99
C TRP A 43 12.74 19.80 -17.33
N TYR A 44 13.92 19.22 -17.55
CA TYR A 44 14.68 19.22 -18.79
C TYR A 44 14.84 17.79 -19.27
N LYS A 45 14.98 17.61 -20.57
CA LYS A 45 15.27 16.31 -21.16
C LYS A 45 16.42 16.48 -22.15
N GLU A 46 17.23 15.42 -22.34
CA GLU A 46 18.32 15.55 -23.33
C GLU A 46 17.77 15.91 -24.70
N ALA A 47 18.49 16.74 -25.46
CA ALA A 47 18.04 17.14 -26.80
C ALA A 47 18.02 15.97 -27.80
N LYS A 48 18.89 14.97 -27.58
CA LYS A 48 19.09 13.76 -28.40
C LYS A 48 19.51 12.63 -27.51
N PRO A 49 19.24 11.33 -27.80
CA PRO A 49 19.82 10.26 -26.96
C PRO A 49 21.35 10.37 -26.94
N GLY A 50 21.92 10.44 -25.74
CA GLY A 50 23.35 10.57 -25.56
C GLY A 50 23.95 11.93 -25.83
N ALA A 51 23.13 13.00 -25.97
CA ALA A 51 23.63 14.38 -26.23
C ALA A 51 24.43 14.98 -25.04
N ALA A 52 23.95 14.77 -23.80
CA ALA A 52 24.57 15.36 -22.63
C ALA A 52 25.65 14.47 -22.04
N GLU A 53 26.90 14.91 -22.16
CA GLU A 53 28.05 14.23 -21.59
C GLU A 53 28.26 14.78 -20.17
N PRO A 54 28.30 13.95 -19.10
CA PRO A 54 28.50 14.49 -17.75
C PRO A 54 29.77 15.35 -17.70
N GLU A 55 29.63 16.55 -17.14
CA GLU A 55 30.69 17.56 -17.13
C GLU A 55 31.67 17.42 -15.97
N VAL A 56 32.94 17.74 -16.25
CA VAL A 56 33.98 17.83 -15.25
C VAL A 56 34.06 19.31 -14.82
N GLY A 57 34.65 19.59 -13.67
CA GLY A 57 34.79 20.95 -13.19
C GLY A 57 35.82 21.70 -14.00
N VAL A 58 35.52 22.95 -14.36
CA VAL A 58 36.47 23.78 -15.11
C VAL A 58 36.72 25.07 -14.34
N PRO A 59 37.90 25.73 -14.53
CA PRO A 59 38.11 27.05 -13.86
C PRO A 59 36.96 28.02 -14.15
N SER A 60 36.58 28.84 -13.16
CA SER A 60 35.46 29.79 -13.29
C SER A 60 35.63 30.76 -14.50
N SER A 61 36.87 31.09 -14.89
CA SER A 61 37.10 32.01 -16.00
C SER A 61 36.84 31.32 -17.36
N LEU A 62 36.76 29.97 -17.40
CA LEU A 62 36.47 29.22 -18.64
C LEU A 62 35.08 28.57 -18.55
N SER A 63 34.20 29.13 -17.71
CA SER A 63 32.82 28.67 -17.53
C SER A 63 32.02 28.81 -18.86
N PRO A 64 30.96 27.98 -19.10
CA PRO A 64 30.22 28.08 -20.38
C PRO A 64 29.65 29.47 -20.62
N SER A 65 29.84 30.00 -21.85
CA SER A 65 29.36 31.33 -22.24
C SER A 65 27.83 31.32 -22.44
N SER A 66 27.25 30.11 -22.58
CA SER A 66 25.82 29.89 -22.74
C SER A 66 25.38 28.55 -22.10
N PRO A 67 24.12 28.43 -21.57
CA PRO A 67 23.67 27.13 -21.03
C PRO A 67 23.70 26.06 -22.13
N SER A 68 24.06 24.80 -21.75
CA SER A 68 24.26 23.66 -22.65
C SER A 68 23.11 23.43 -23.64
N SER A 69 23.48 23.23 -24.93
CA SER A 69 22.51 22.93 -25.99
C SER A 69 22.14 21.43 -25.97
N SER A 70 22.75 20.66 -25.05
CA SER A 70 22.50 19.23 -24.90
C SER A 70 21.22 18.93 -24.09
N TRP A 71 20.64 19.96 -23.44
CA TRP A 71 19.41 19.86 -22.64
C TRP A 71 18.31 20.74 -23.25
N THR A 72 17.08 20.18 -23.38
CA THR A 72 15.89 20.86 -23.87
C THR A 72 14.96 21.14 -22.70
N GLU A 73 14.46 22.37 -22.62
CA GLU A 73 13.52 22.73 -21.57
C GLU A 73 12.13 22.15 -21.88
N THR A 74 11.57 21.36 -20.95
CA THR A 74 10.21 20.84 -21.14
C THR A 74 9.21 21.92 -20.63
N ASP A 75 7.93 21.74 -20.91
CA ASP A 75 6.94 22.68 -20.38
C ASP A 75 6.42 22.18 -19.02
N VAL A 76 7.12 21.20 -18.38
CA VAL A 76 6.62 20.60 -17.14
C VAL A 76 7.25 21.29 -15.95
N GLU A 77 6.38 21.95 -15.18
CA GLU A 77 6.71 22.70 -13.96
C GLU A 77 6.18 21.99 -12.71
N GLU A 78 5.76 20.73 -12.86
CA GLU A 78 5.27 19.90 -11.76
C GLU A 78 6.44 19.19 -11.09
N ARG A 79 6.28 18.79 -9.81
CA ARG A 79 7.26 17.97 -9.10
C ARG A 79 7.48 16.63 -9.84
N VAL A 80 6.39 15.99 -10.28
CA VAL A 80 6.44 14.70 -10.95
C VAL A 80 6.46 14.88 -12.47
N TYR A 81 7.35 14.15 -13.16
CA TYR A 81 7.42 14.21 -14.62
C TYR A 81 7.09 12.83 -15.16
N THR A 82 6.16 12.73 -16.12
CA THR A 82 5.85 11.46 -16.76
C THR A 82 6.40 11.49 -18.19
N PRO A 83 7.45 10.69 -18.49
CA PRO A 83 8.03 10.74 -19.84
C PRO A 83 7.09 10.16 -20.88
N SER A 84 7.16 10.67 -22.11
CA SER A 84 6.40 10.14 -23.23
C SER A 84 7.25 9.09 -23.94
N ASN A 85 6.67 8.38 -24.92
CA ASN A 85 7.46 7.43 -25.69
C ASN A 85 8.52 8.20 -26.52
N ALA A 86 8.25 9.48 -26.84
CA ALA A 86 9.20 10.34 -27.57
C ALA A 86 10.48 10.60 -26.73
N ASP A 87 10.41 10.36 -25.40
CA ASP A 87 11.54 10.55 -24.48
C ASP A 87 12.43 9.30 -24.29
N ILE A 88 12.09 8.15 -24.89
CA ILE A 88 12.87 6.91 -24.73
C ILE A 88 14.33 7.14 -25.18
N GLY A 89 15.28 6.76 -24.31
CA GLY A 89 16.69 6.91 -24.59
C GLY A 89 17.27 8.22 -24.11
N LEU A 90 16.43 9.13 -23.58
CA LEU A 90 16.94 10.40 -23.05
C LEU A 90 17.16 10.33 -21.55
N ARG A 91 18.14 11.09 -21.05
CA ARG A 91 18.27 11.30 -19.60
C ARG A 91 17.46 12.56 -19.28
N LEU A 92 17.14 12.74 -18.00
CA LEU A 92 16.35 13.89 -17.56
C LEU A 92 17.13 14.71 -16.57
N LYS A 93 16.68 15.93 -16.37
CA LYS A 93 17.30 16.82 -15.41
C LYS A 93 16.23 17.65 -14.74
N LEU A 94 16.21 17.63 -13.42
CA LEU A 94 15.29 18.45 -12.65
C LEU A 94 16.01 19.65 -12.08
N HIS A 95 15.47 20.83 -12.32
CA HIS A 95 15.90 22.09 -11.73
C HIS A 95 14.83 22.44 -10.70
N CYS A 96 15.22 22.60 -9.44
CA CYS A 96 14.19 22.90 -8.46
C CYS A 96 14.69 23.92 -7.44
N THR A 97 13.76 24.71 -6.89
CA THR A 97 14.07 25.77 -5.94
C THR A 97 13.20 25.67 -4.67
N PRO A 98 13.84 25.65 -3.48
CA PRO A 98 13.06 25.63 -2.24
C PRO A 98 12.66 27.06 -1.82
N GLY A 99 11.47 27.18 -1.29
CA GLY A 99 10.91 28.46 -0.85
C GLY A 99 10.18 28.35 0.47
N ASP A 100 10.04 29.50 1.20
CA ASP A 100 9.33 29.58 2.49
C ASP A 100 8.03 30.41 2.39
N GLY A 101 7.68 30.86 1.18
CA GLY A 101 6.52 31.70 0.94
C GLY A 101 6.88 33.15 0.69
N GLN A 102 8.01 33.62 1.27
CA GLN A 102 8.50 35.00 1.15
C GLN A 102 9.72 35.09 0.20
N ARG A 103 10.63 34.13 0.28
CA ARG A 103 11.83 34.14 -0.57
C ARG A 103 12.21 32.71 -0.94
N PHE A 104 13.20 32.60 -1.83
CA PHE A 104 13.71 31.32 -2.31
C PHE A 104 15.16 31.09 -1.96
N GLY A 105 15.47 29.85 -1.62
CA GLY A 105 16.84 29.42 -1.37
C GLY A 105 17.55 29.21 -2.69
N HIS A 106 18.80 28.74 -2.67
CA HIS A 106 19.54 28.50 -3.91
C HIS A 106 18.86 27.44 -4.78
N SER A 107 18.83 27.67 -6.10
CA SER A 107 18.25 26.69 -7.03
C SER A 107 19.14 25.48 -7.11
N ARG A 108 18.55 24.30 -7.25
CA ARG A 108 19.28 23.04 -7.34
C ARG A 108 19.05 22.35 -8.67
N GLU A 109 20.02 21.55 -9.09
CA GLU A 109 19.89 20.78 -10.33
C GLU A 109 20.30 19.36 -10.06
N LEU A 110 19.61 18.41 -10.69
CA LEU A 110 19.88 17.00 -10.52
C LEU A 110 19.61 16.27 -11.82
N GLU A 111 20.60 15.54 -12.39
CA GLU A 111 20.42 14.72 -13.59
C GLU A 111 20.13 13.26 -13.23
N SER A 112 19.34 12.58 -14.07
CA SER A 112 19.13 11.16 -13.87
C SER A 112 20.40 10.41 -14.33
N VAL A 113 20.68 9.29 -13.68
CA VAL A 113 21.83 8.45 -14.08
C VAL A 113 21.40 7.61 -15.29
N CYS A 114 20.14 7.10 -15.24
CA CYS A 114 19.54 6.22 -16.24
C CYS A 114 18.91 7.01 -17.37
N VAL A 115 18.67 6.34 -18.51
CA VAL A 115 17.86 6.91 -19.59
C VAL A 115 16.41 6.48 -19.34
N VAL A 116 15.48 7.12 -20.03
CA VAL A 116 14.07 6.73 -20.03
C VAL A 116 13.97 5.41 -20.84
N GLU A 117 13.50 4.34 -20.19
CA GLU A 117 13.34 3.06 -20.86
C GLU A 117 11.94 2.95 -21.42
N ALA A 118 11.73 2.05 -22.40
CA ALA A 118 10.38 1.81 -22.88
C ALA A 118 9.60 1.12 -21.76
N GLY A 119 8.32 1.39 -21.65
CA GLY A 119 7.51 0.75 -20.62
C GLY A 119 6.51 -0.22 -21.21
N PRO A 120 5.76 -0.98 -20.37
CA PRO A 120 4.72 -1.86 -20.94
C PRO A 120 3.65 -1.00 -21.61
N GLY A 121 3.11 -1.47 -22.72
CA GLY A 121 2.08 -0.70 -23.43
C GLY A 121 0.75 -0.63 -22.68
N THR A 122 0.45 -1.66 -21.85
CA THR A 122 -0.78 -1.70 -21.03
C THR A 122 -0.49 -2.34 -19.67
N CYS A 123 -1.18 -1.85 -18.64
CA CYS A 123 -1.18 -2.41 -17.28
C CYS A 123 -2.62 -2.62 -16.88
N THR A 124 -2.86 -3.56 -15.96
CA THR A 124 -4.26 -3.85 -15.56
C THR A 124 -4.97 -2.68 -14.91
N PHE A 125 -4.22 -1.77 -14.28
CA PHE A 125 -4.83 -0.63 -13.62
C PHE A 125 -5.24 0.51 -14.60
N ASP A 126 -4.79 0.46 -15.87
CA ASP A 126 -5.13 1.52 -16.85
C ASP A 126 -6.63 1.66 -16.97
N HIS A 127 -7.34 0.55 -17.17
CA HIS A 127 -8.79 0.64 -17.30
C HIS A 127 -9.42 1.12 -16.00
N ARG A 128 -8.91 0.63 -14.87
CA ARG A 128 -9.41 0.99 -13.55
C ARG A 128 -9.25 2.49 -13.29
N HIS A 129 -8.12 3.08 -13.76
CA HIS A 129 -7.79 4.51 -13.61
C HIS A 129 -8.82 5.39 -14.34
N LEU A 130 -9.56 4.84 -15.35
CA LEU A 130 -10.59 5.59 -16.05
C LEU A 130 -11.74 5.96 -15.11
N TYR A 131 -11.89 5.25 -13.97
CA TYR A 131 -12.90 5.49 -12.94
C TYR A 131 -12.40 6.38 -11.80
N THR A 132 -11.10 6.66 -11.75
CA THR A 132 -10.52 7.40 -10.61
C THR A 132 -9.68 8.60 -11.08
N LYS A 133 -10.11 9.27 -12.16
CA LYS A 133 -9.35 10.42 -12.70
C LYS A 133 -9.31 11.62 -11.74
N LYS A 134 -10.21 11.68 -10.77
CA LYS A 134 -10.26 12.80 -9.85
C LYS A 134 -10.35 12.41 -8.42
N VAL A 135 -9.84 13.26 -7.54
CA VAL A 135 -9.99 13.11 -6.09
C VAL A 135 -11.50 13.22 -5.78
N THR A 136 -12.05 12.33 -4.91
CA THR A 136 -13.50 12.35 -4.62
C THR A 136 -13.91 13.58 -3.80
N GLU A 137 -15.20 13.91 -3.86
CA GLU A 137 -15.80 15.02 -3.10
C GLU A 137 -15.68 14.76 -1.59
N ASP A 138 -15.78 15.85 -0.79
CA ASP A 138 -15.62 15.85 0.66
C ASP A 138 -16.48 14.80 1.38
N ALA A 139 -17.64 14.43 0.81
CA ALA A 139 -18.54 13.44 1.42
C ALA A 139 -18.05 12.00 1.21
N LEU A 140 -17.03 11.79 0.37
CA LEU A 140 -16.60 10.41 0.10
C LEU A 140 -15.20 10.12 0.67
N ILE A 141 -14.90 8.82 0.82
CA ILE A 141 -13.60 8.30 1.24
C ILE A 141 -13.17 7.22 0.25
N ARG A 142 -12.27 7.55 -0.70
CA ARG A 142 -11.78 6.53 -1.61
C ARG A 142 -10.72 5.75 -0.83
N THR A 143 -10.99 4.46 -0.67
CA THR A 143 -10.21 3.53 0.14
C THR A 143 -9.57 2.46 -0.74
N VAL A 144 -8.30 2.17 -0.48
CA VAL A 144 -7.53 1.15 -1.19
C VAL A 144 -6.97 0.13 -0.21
N SER A 145 -6.98 -1.14 -0.59
CA SER A 145 -6.30 -2.21 0.16
C SER A 145 -5.46 -3.00 -0.81
N TYR A 146 -4.13 -3.13 -0.56
CA TYR A 146 -3.30 -3.78 -1.56
C TYR A 146 -2.06 -4.40 -0.95
N ASN A 147 -1.89 -5.73 -1.19
CA ASN A 147 -0.68 -6.46 -0.84
C ASN A 147 0.22 -6.24 -2.05
N ILE A 148 1.27 -5.42 -1.89
CA ILE A 148 2.12 -5.01 -3.02
C ILE A 148 3.30 -5.96 -3.33
N LEU A 149 3.39 -7.12 -2.64
CA LEU A 149 4.40 -8.16 -2.83
C LEU A 149 5.79 -7.62 -2.47
N ALA A 150 6.29 -8.02 -1.31
CA ALA A 150 7.57 -7.51 -0.84
C ALA A 150 8.70 -8.04 -1.67
N ASP A 151 9.66 -7.16 -1.95
CA ASP A 151 10.90 -7.50 -2.64
C ASP A 151 11.69 -8.55 -1.86
N THR A 152 11.64 -8.52 -0.50
CA THR A 152 12.37 -9.51 0.31
C THR A 152 11.90 -10.94 -0.06
N TYR A 153 10.61 -11.10 -0.41
CA TYR A 153 10.11 -12.39 -0.86
C TYR A 153 10.28 -12.58 -2.37
N ALA A 154 9.99 -11.57 -3.18
CA ALA A 154 10.05 -11.70 -4.65
C ALA A 154 11.46 -12.07 -5.18
N GLN A 155 12.54 -11.64 -4.48
CA GLN A 155 13.93 -11.93 -4.89
C GLN A 155 14.37 -13.40 -4.60
N THR A 156 13.63 -14.17 -3.78
CA THR A 156 14.03 -15.54 -3.43
C THR A 156 13.94 -16.46 -4.64
N GLU A 157 14.70 -17.57 -4.64
CA GLU A 157 14.62 -18.55 -5.72
C GLU A 157 13.24 -19.22 -5.75
N PHE A 158 12.67 -19.48 -4.57
CA PHE A 158 11.34 -20.04 -4.45
C PHE A 158 10.32 -19.12 -5.17
N SER A 159 10.38 -17.77 -4.98
CA SER A 159 9.41 -16.92 -5.69
C SER A 159 9.69 -16.88 -7.21
N ARG A 160 10.97 -16.73 -7.57
CA ARG A 160 11.35 -16.59 -8.98
C ARG A 160 11.09 -17.84 -9.81
N THR A 161 11.38 -19.04 -9.27
CA THR A 161 11.29 -20.28 -10.06
C THR A 161 10.16 -21.21 -9.65
N VAL A 162 9.59 -21.05 -8.47
CA VAL A 162 8.51 -21.93 -8.02
C VAL A 162 7.17 -21.20 -8.08
N LEU A 163 7.04 -20.04 -7.39
CA LEU A 163 5.78 -19.28 -7.35
C LEU A 163 5.45 -18.57 -8.67
N TYR A 164 6.41 -17.81 -9.22
CA TYR A 164 6.15 -17.00 -10.42
C TYR A 164 7.12 -17.31 -11.60
N PRO A 165 7.32 -18.59 -12.02
CA PRO A 165 8.25 -18.86 -13.14
C PRO A 165 7.76 -18.29 -14.48
N TYR A 166 6.46 -18.05 -14.61
CA TYR A 166 5.83 -17.48 -15.81
C TYR A 166 6.09 -15.98 -15.96
N CYS A 167 6.46 -15.30 -14.87
CA CYS A 167 6.65 -13.85 -14.91
C CYS A 167 7.98 -13.49 -15.55
N ALA A 168 8.00 -12.50 -16.47
CA ALA A 168 9.26 -12.06 -17.07
C ALA A 168 10.19 -11.64 -15.93
N PRO A 169 11.38 -12.22 -15.81
CA PRO A 169 12.22 -11.93 -14.63
C PRO A 169 12.47 -10.43 -14.39
N TYR A 170 12.61 -9.61 -15.45
CA TYR A 170 12.78 -8.16 -15.27
C TYR A 170 11.55 -7.50 -14.62
N ALA A 171 10.36 -8.06 -14.86
CA ALA A 171 9.12 -7.50 -14.33
C ALA A 171 8.93 -7.87 -12.86
N LEU A 172 9.78 -8.72 -12.28
CA LEU A 172 9.65 -9.09 -10.86
C LEU A 172 10.61 -8.25 -10.02
N GLU A 173 11.57 -7.59 -10.69
CA GLU A 173 12.57 -6.74 -10.06
C GLU A 173 11.94 -5.53 -9.39
N LEU A 174 12.51 -5.12 -8.26
CA LEU A 174 11.98 -4.00 -7.45
C LEU A 174 11.77 -2.72 -8.28
N ASP A 175 12.78 -2.28 -9.07
CA ASP A 175 12.66 -0.99 -9.80
C ASP A 175 11.47 -0.97 -10.76
N TYR A 176 11.28 -2.06 -11.50
CA TYR A 176 10.17 -2.15 -12.44
C TYR A 176 8.84 -2.16 -11.70
N ARG A 177 8.68 -3.03 -10.69
CA ARG A 177 7.43 -3.11 -9.95
C ARG A 177 7.10 -1.84 -9.21
N GLN A 178 8.12 -1.14 -8.65
CA GLN A 178 7.88 0.13 -7.95
C GLN A 178 7.38 1.21 -8.89
N ASN A 179 7.88 1.24 -10.15
CA ASN A 179 7.35 2.18 -11.13
C ASN A 179 5.87 1.93 -11.36
N LEU A 180 5.51 0.65 -11.55
CA LEU A 180 4.11 0.25 -11.77
C LEU A 180 3.25 0.58 -10.56
N ILE A 181 3.74 0.27 -9.35
CA ILE A 181 2.99 0.51 -8.09
C ILE A 181 2.81 2.03 -7.89
N GLN A 182 3.86 2.83 -8.17
CA GLN A 182 3.75 4.28 -8.05
C GLN A 182 2.67 4.80 -8.98
N LYS A 183 2.69 4.38 -10.25
CA LYS A 183 1.65 4.82 -11.19
C LYS A 183 0.27 4.34 -10.75
N GLU A 184 0.19 3.07 -10.38
CA GLU A 184 -1.08 2.49 -9.96
C GLU A 184 -1.73 3.30 -8.83
N LEU A 185 -1.00 3.45 -7.72
CA LEU A 185 -1.55 4.09 -6.51
C LEU A 185 -1.83 5.57 -6.69
N THR A 186 -0.92 6.33 -7.31
CA THR A 186 -1.16 7.76 -7.55
C THR A 186 -2.36 7.96 -8.51
N GLY A 187 -2.53 7.04 -9.48
CA GLY A 187 -3.61 7.11 -10.46
C GLY A 187 -4.98 6.83 -9.87
N TYR A 188 -5.02 6.16 -8.70
CA TYR A 188 -6.30 5.94 -8.00
C TYR A 188 -6.83 7.23 -7.34
N ASN A 189 -5.98 8.26 -7.16
CA ASN A 189 -6.40 9.54 -6.51
C ASN A 189 -7.24 9.26 -5.24
N ALA A 190 -6.66 8.44 -4.35
CA ALA A 190 -7.33 7.90 -3.15
C ALA A 190 -7.17 8.77 -1.91
N ASP A 191 -7.92 8.45 -0.85
CA ASP A 191 -7.88 9.19 0.42
C ASP A 191 -7.29 8.38 1.56
N VAL A 192 -7.55 7.05 1.57
CA VAL A 192 -7.06 6.13 2.58
C VAL A 192 -6.47 4.90 1.84
N ILE A 193 -5.16 4.68 1.99
CA ILE A 193 -4.49 3.58 1.26
C ILE A 193 -3.83 2.66 2.28
N CYS A 194 -4.31 1.39 2.37
CA CYS A 194 -3.76 0.41 3.29
C CYS A 194 -2.99 -0.63 2.52
N LEU A 195 -1.68 -0.72 2.77
CA LEU A 195 -0.80 -1.62 2.03
C LEU A 195 -0.19 -2.69 2.90
N GLN A 196 0.05 -3.89 2.33
CA GLN A 196 0.72 -4.96 3.06
C GLN A 196 1.96 -5.31 2.26
N GLU A 197 2.95 -6.00 2.89
CA GLU A 197 4.23 -6.45 2.28
C GLU A 197 5.03 -5.28 1.75
N VAL A 198 5.10 -4.24 2.58
CA VAL A 198 5.82 -3.03 2.27
C VAL A 198 7.24 -3.19 2.84
N ASP A 199 8.26 -3.28 1.96
CA ASP A 199 9.66 -3.31 2.42
C ASP A 199 10.00 -1.94 3.02
N ARG A 200 10.89 -1.87 4.05
CA ARG A 200 11.27 -0.57 4.63
C ARG A 200 11.72 0.43 3.56
N ALA A 201 12.62 0.00 2.65
CA ALA A 201 13.14 0.89 1.60
C ALA A 201 12.07 1.27 0.59
N VAL A 202 11.07 0.40 0.38
CA VAL A 202 9.97 0.70 -0.54
C VAL A 202 9.16 1.87 0.05
N PHE A 203 8.84 1.79 1.35
CA PHE A 203 8.15 2.88 2.04
C PHE A 203 8.94 4.20 1.88
N SER A 204 10.21 4.23 2.29
CA SER A 204 10.98 5.47 2.30
C SER A 204 11.35 6.02 0.92
N ASP A 205 11.80 5.15 -0.02
CA ASP A 205 12.36 5.56 -1.31
C ASP A 205 11.39 5.50 -2.49
N SER A 206 10.25 4.81 -2.34
CA SER A 206 9.32 4.73 -3.46
C SER A 206 7.92 5.31 -3.12
N LEU A 207 7.24 4.79 -2.08
CA LEU A 207 5.88 5.16 -1.74
C LEU A 207 5.79 6.60 -1.20
N VAL A 208 6.59 6.94 -0.18
CA VAL A 208 6.54 8.28 0.41
C VAL A 208 6.84 9.33 -0.68
N PRO A 209 7.90 9.24 -1.52
CA PRO A 209 8.12 10.29 -2.53
C PRO A 209 6.96 10.42 -3.54
N ALA A 210 6.43 9.30 -4.02
CA ALA A 210 5.31 9.32 -4.97
C ALA A 210 4.04 9.87 -4.35
N LEU A 211 3.62 9.27 -3.23
CA LEU A 211 2.32 9.64 -2.65
C LEU A 211 2.36 11.04 -2.00
N GLU A 212 3.50 11.47 -1.46
CA GLU A 212 3.50 12.82 -0.88
C GLU A 212 3.36 13.91 -1.97
N ALA A 213 3.83 13.62 -3.21
CA ALA A 213 3.67 14.52 -4.35
C ALA A 213 2.16 14.73 -4.71
N PHE A 214 1.31 13.74 -4.38
CA PHE A 214 -0.12 13.78 -4.65
C PHE A 214 -0.94 14.08 -3.38
N GLY A 215 -0.25 14.52 -2.32
CA GLY A 215 -0.90 14.99 -1.09
C GLY A 215 -1.23 13.96 -0.03
N LEU A 216 -0.58 12.78 -0.07
CA LEU A 216 -0.83 11.78 0.98
C LEU A 216 0.39 11.65 1.89
N GLU A 217 0.14 11.41 3.17
CA GLU A 217 1.15 11.18 4.19
C GLU A 217 1.01 9.75 4.71
N GLY A 218 2.12 9.11 5.06
CA GLY A 218 2.03 7.71 5.48
C GLY A 218 2.65 7.36 6.79
N VAL A 219 2.17 6.24 7.36
CA VAL A 219 2.71 5.65 8.59
C VAL A 219 3.07 4.19 8.28
N PHE A 220 4.14 3.69 8.93
CA PHE A 220 4.62 2.33 8.66
C PHE A 220 4.76 1.53 9.95
N ARG A 221 4.44 0.23 9.89
CA ARG A 221 4.60 -0.67 11.03
C ARG A 221 5.27 -1.96 10.55
N ILE A 222 6.46 -2.23 11.07
CA ILE A 222 7.17 -3.45 10.67
C ILE A 222 6.52 -4.70 11.25
N LYS A 223 6.65 -5.80 10.51
CA LYS A 223 6.25 -7.13 10.96
CA LYS A 223 6.26 -7.12 10.97
C LYS A 223 7.58 -7.80 11.37
N GLN A 224 8.31 -8.35 10.38
CA GLN A 224 9.62 -8.96 10.59
C GLN A 224 10.60 -8.49 9.47
N HIS A 225 10.33 -8.88 8.20
CA HIS A 225 11.18 -8.59 7.02
C HIS A 225 10.63 -7.48 6.11
N GLU A 226 9.41 -7.01 6.41
CA GLU A 226 8.60 -6.05 5.67
C GLU A 226 7.43 -5.73 6.58
N GLY A 227 6.56 -4.81 6.18
CA GLY A 227 5.42 -4.49 7.04
C GLY A 227 4.21 -3.85 6.38
N LEU A 228 3.45 -3.14 7.20
CA LEU A 228 2.22 -2.51 6.79
C LEU A 228 2.38 -1.02 6.62
N ALA A 229 1.69 -0.43 5.65
CA ALA A 229 1.68 1.04 5.54
C ALA A 229 0.25 1.55 5.40
N THR A 230 -0.03 2.74 5.98
CA THR A 230 -1.31 3.43 5.85
C THR A 230 -1.01 4.83 5.42
N PHE A 231 -1.55 5.20 4.24
CA PHE A 231 -1.46 6.53 3.69
C PHE A 231 -2.82 7.22 3.77
N TYR A 232 -2.81 8.52 4.05
CA TYR A 232 -4.07 9.29 4.15
C TYR A 232 -3.89 10.65 3.45
N ARG A 233 -4.95 11.10 2.75
CA ARG A 233 -4.94 12.38 2.02
C ARG A 233 -5.07 13.53 3.04
N LYS A 234 -3.99 14.31 3.17
CA LYS A 234 -3.86 15.42 4.13
C LYS A 234 -4.96 16.50 4.00
N SER A 235 -5.46 16.74 2.78
CA SER A 235 -6.51 17.75 2.53
C SER A 235 -7.86 17.28 3.08
N LYS A 236 -8.00 15.97 3.37
CA LYS A 236 -9.27 15.38 3.85
C LYS A 236 -9.15 14.76 5.25
N PHE A 237 -7.95 14.34 5.69
CA PHE A 237 -7.74 13.73 6.99
C PHE A 237 -6.47 14.16 7.66
N SER A 238 -6.51 14.18 8.98
CA SER A 238 -5.36 14.40 9.87
C SER A 238 -5.20 13.14 10.67
N LEU A 239 -3.97 12.82 11.06
CA LEU A 239 -3.75 11.67 11.91
C LEU A 239 -3.92 12.11 13.39
N LEU A 240 -4.82 11.44 14.12
CA LEU A 240 -5.00 11.75 15.53
C LEU A 240 -4.13 10.88 16.40
N SER A 241 -4.32 9.56 16.34
CA SER A 241 -3.58 8.65 17.20
C SER A 241 -3.39 7.28 16.55
N GLN A 242 -2.41 6.54 17.04
CA GLN A 242 -2.01 5.21 16.54
C GLN A 242 -2.09 4.19 17.63
N HIS A 243 -2.54 2.99 17.28
CA HIS A 243 -2.76 1.95 18.28
C HIS A 243 -2.34 0.61 17.71
N ASP A 244 -1.12 0.56 17.17
CA ASP A 244 -0.63 -0.68 16.54
C ASP A 244 -0.31 -1.73 17.56
N ILE A 245 -0.54 -3.01 17.20
CA ILE A 245 -0.20 -4.13 18.06
C ILE A 245 0.40 -5.29 17.27
N SER A 246 1.10 -6.19 17.99
CA SER A 246 1.53 -7.49 17.50
C SER A 246 0.51 -8.46 18.09
N PHE A 247 -0.12 -9.31 17.28
CA PHE A 247 -1.15 -10.20 17.86
C PHE A 247 -0.65 -11.09 19.01
N TYR A 248 0.55 -11.69 18.87
CA TYR A 248 1.05 -12.60 19.91
C TYR A 248 1.26 -11.84 21.23
N GLU A 249 1.80 -10.60 21.18
CA GLU A 249 2.03 -9.76 22.37
C GLU A 249 0.71 -9.37 23.04
N ALA A 250 -0.26 -8.90 22.25
CA ALA A 250 -1.56 -8.48 22.79
C ALA A 250 -2.29 -9.68 23.39
N LEU A 251 -2.26 -10.85 22.70
CA LEU A 251 -2.97 -12.02 23.20
C LEU A 251 -2.41 -12.51 24.54
N GLU A 252 -1.06 -12.52 24.69
CA GLU A 252 -0.43 -13.02 25.91
C GLU A 252 -0.46 -12.01 27.05
N SER A 253 -0.36 -10.69 26.76
CA SER A 253 -0.21 -9.63 27.76
C SER A 253 -1.44 -8.76 28.05
N ASP A 254 -2.34 -8.58 27.09
CA ASP A 254 -3.43 -7.65 27.30
C ASP A 254 -4.71 -8.29 27.84
N PRO A 255 -5.29 -7.75 28.97
CA PRO A 255 -6.54 -8.33 29.51
C PRO A 255 -7.74 -8.25 28.57
N LEU A 256 -7.68 -7.41 27.49
CA LEU A 256 -8.76 -7.37 26.50
C LEU A 256 -9.03 -8.75 25.91
N HIS A 257 -7.97 -9.57 25.81
CA HIS A 257 -8.08 -10.89 25.16
C HIS A 257 -8.05 -12.02 26.19
N LYS A 258 -8.33 -11.68 27.44
CA LYS A 258 -8.32 -12.63 28.57
C LYS A 258 -9.14 -13.88 28.30
N GLU A 259 -10.39 -13.71 27.87
N GLU A 259 -10.38 -13.73 27.85
CA GLU A 259 -11.34 -14.81 27.60
CA GLU A 259 -11.30 -14.86 27.65
C GLU A 259 -10.85 -15.70 26.46
C GLU A 259 -10.87 -15.71 26.45
N LEU A 260 -10.30 -15.09 25.40
CA LEU A 260 -9.78 -15.82 24.24
C LEU A 260 -8.58 -16.68 24.68
N LEU A 261 -7.67 -16.08 25.47
CA LEU A 261 -6.51 -16.82 25.94
C LEU A 261 -6.93 -18.02 26.81
N GLU A 262 -7.97 -17.87 27.65
CA GLU A 262 -8.46 -18.99 28.48
C GLU A 262 -8.85 -20.17 27.62
N LYS A 263 -9.49 -19.90 26.47
CA LYS A 263 -9.90 -20.99 25.56
C LYS A 263 -8.70 -21.60 24.91
N LEU A 264 -7.74 -20.76 24.48
CA LEU A 264 -6.56 -21.24 23.77
C LEU A 264 -5.57 -22.03 24.65
N VAL A 265 -5.39 -21.69 25.94
CA VAL A 265 -4.41 -22.39 26.80
C VAL A 265 -4.82 -23.85 27.05
N LEU A 266 -6.09 -24.19 26.81
CA LEU A 266 -6.57 -25.57 26.94
C LEU A 266 -6.01 -26.47 25.80
N TYR A 267 -5.36 -25.86 24.80
CA TYR A 267 -4.79 -26.48 23.60
C TYR A 267 -3.36 -26.02 23.45
N PRO A 268 -2.44 -26.57 24.28
CA PRO A 268 -1.05 -26.07 24.27
C PRO A 268 -0.37 -26.01 22.90
N SER A 269 -0.57 -27.01 22.05
CA SER A 269 0.07 -27.06 20.71
C SER A 269 -0.39 -25.87 19.83
N ALA A 270 -1.72 -25.63 19.78
CA ALA A 270 -2.34 -24.52 19.03
C ALA A 270 -1.89 -23.16 19.62
N GLN A 271 -1.79 -23.09 20.97
CA GLN A 271 -1.31 -21.88 21.62
C GLN A 271 0.10 -21.52 21.18
N GLU A 272 1.01 -22.51 21.17
CA GLU A 272 2.43 -22.27 20.86
C GLU A 272 2.55 -21.79 19.41
N LYS A 273 1.74 -22.38 18.53
CA LYS A 273 1.77 -22.02 17.12
C LYS A 273 1.33 -20.58 16.91
N VAL A 274 0.23 -20.16 17.58
CA VAL A 274 -0.29 -18.80 17.48
C VAL A 274 0.73 -17.78 18.06
N LEU A 275 1.33 -18.10 19.22
CA LEU A 275 2.25 -17.18 19.90
C LEU A 275 3.61 -17.08 19.18
N GLN A 276 3.88 -17.95 18.20
CA GLN A 276 5.11 -17.92 17.41
CA GLN A 276 5.14 -17.85 17.46
C GLN A 276 4.92 -17.11 16.12
N ARG A 277 3.65 -16.66 15.83
CA ARG A 277 3.31 -15.88 14.61
C ARG A 277 3.68 -14.42 14.79
N SER A 278 4.19 -13.79 13.73
CA SER A 278 4.61 -12.40 13.92
C SER A 278 3.63 -11.37 13.29
N SER A 279 2.40 -11.78 12.84
CA SER A 279 1.48 -10.80 12.25
C SER A 279 1.16 -9.66 13.21
N VAL A 280 1.00 -8.47 12.62
CA VAL A 280 0.74 -7.22 13.32
C VAL A 280 -0.54 -6.61 12.79
N LEU A 281 -1.05 -5.68 13.57
CA LEU A 281 -2.23 -4.90 13.27
C LEU A 281 -1.89 -3.44 13.35
N GLN A 282 -2.09 -2.74 12.25
CA GLN A 282 -1.88 -1.30 12.19
C GLN A 282 -3.24 -0.60 12.41
N VAL A 283 -3.30 0.30 13.40
CA VAL A 283 -4.55 1.03 13.70
C VAL A 283 -4.26 2.53 13.73
N SER A 284 -4.97 3.29 12.90
CA SER A 284 -4.79 4.74 12.82
C SER A 284 -6.13 5.41 12.95
N VAL A 285 -6.26 6.32 13.93
CA VAL A 285 -7.49 7.08 14.09
C VAL A 285 -7.29 8.41 13.37
N LEU A 286 -8.13 8.65 12.35
CA LEU A 286 -8.09 9.84 11.49
C LEU A 286 -9.26 10.76 11.78
N GLN A 287 -9.01 12.07 11.67
CA GLN A 287 -10.06 13.07 11.81
C GLN A 287 -10.29 13.75 10.48
N SER A 288 -11.55 13.85 10.09
CA SER A 288 -11.94 14.58 8.88
C SER A 288 -11.54 16.04 9.03
N THR A 289 -10.88 16.61 8.01
CA THR A 289 -10.45 18.01 8.03
C THR A 289 -11.64 18.92 7.72
N LYS A 290 -12.70 18.36 7.11
CA LYS A 290 -13.88 19.12 6.67
C LYS A 290 -14.94 19.22 7.79
N ASP A 291 -14.99 18.21 8.69
CA ASP A 291 -15.94 18.13 9.79
C ASP A 291 -15.24 17.42 10.94
N SER A 292 -14.71 18.19 11.91
CA SER A 292 -13.96 17.67 13.06
C SER A 292 -14.76 16.66 13.95
N SER A 293 -16.07 16.56 13.76
CA SER A 293 -16.91 15.62 14.52
C SER A 293 -16.88 14.22 13.86
N LYS A 294 -16.25 14.13 12.65
CA LYS A 294 -16.14 12.87 11.91
C LYS A 294 -14.73 12.30 12.08
N ARG A 295 -14.63 11.20 12.83
CA ARG A 295 -13.38 10.49 13.09
C ARG A 295 -13.55 9.06 12.62
N ILE A 296 -12.50 8.45 12.08
CA ILE A 296 -12.62 7.07 11.58
C ILE A 296 -11.44 6.25 12.09
N CYS A 297 -11.72 5.00 12.44
CA CYS A 297 -10.70 4.06 12.91
C CYS A 297 -10.29 3.18 11.72
N VAL A 298 -9.08 3.40 11.18
CA VAL A 298 -8.59 2.68 9.99
C VAL A 298 -7.63 1.59 10.43
N ALA A 299 -8.06 0.35 10.25
CA ALA A 299 -7.19 -0.78 10.64
C ALA A 299 -6.67 -1.48 9.41
N ASN A 300 -5.48 -2.06 9.54
CA ASN A 300 -4.82 -2.71 8.40
C ASN A 300 -4.08 -3.90 8.90
N THR A 301 -4.20 -5.06 8.22
CA THR A 301 -3.47 -6.25 8.69
C THR A 301 -3.06 -7.13 7.51
N HIS A 302 -2.25 -8.16 7.83
CA HIS A 302 -1.78 -9.21 6.97
C HIS A 302 -1.73 -10.46 7.82
N LEU A 303 -2.71 -11.33 7.66
CA LEU A 303 -2.82 -12.52 8.52
C LEU A 303 -1.93 -13.67 8.01
N TYR A 304 -1.71 -14.66 8.89
CA TYR A 304 -0.89 -15.85 8.62
C TYR A 304 -1.20 -16.45 7.24
N TRP A 305 -0.15 -16.71 6.43
CA TRP A 305 -0.28 -17.16 5.04
C TRP A 305 -0.72 -18.62 4.80
N HIS A 306 -0.40 -19.57 5.71
CA HIS A 306 -0.48 -21.00 5.42
C HIS A 306 -1.89 -21.45 4.98
N PRO A 307 -1.99 -22.24 3.86
CA PRO A 307 -3.33 -22.67 3.40
C PRO A 307 -4.14 -23.40 4.48
N LYS A 308 -3.45 -24.04 5.41
CA LYS A 308 -4.13 -24.79 6.49
C LYS A 308 -4.07 -24.05 7.82
N GLY A 309 -3.83 -22.75 7.75
CA GLY A 309 -3.75 -21.91 8.95
C GLY A 309 -5.07 -21.32 9.41
N GLY A 310 -6.20 -21.91 8.99
CA GLY A 310 -7.54 -21.45 9.33
C GLY A 310 -7.78 -21.07 10.79
N TYR A 311 -7.38 -21.94 11.73
CA TYR A 311 -7.61 -21.66 13.14
C TYR A 311 -6.78 -20.47 13.63
N ILE A 312 -5.57 -20.31 13.08
CA ILE A 312 -4.65 -19.23 13.47
C ILE A 312 -5.25 -17.90 13.04
N ARG A 313 -5.78 -17.84 11.81
CA ARG A 313 -6.44 -16.63 11.28
C ARG A 313 -7.65 -16.29 12.09
N LEU A 314 -8.41 -17.31 12.55
CA LEU A 314 -9.58 -17.09 13.40
C LEU A 314 -9.15 -16.41 14.72
N ILE A 315 -8.10 -16.91 15.34
CA ILE A 315 -7.60 -16.36 16.61
C ILE A 315 -7.03 -14.96 16.39
N GLN A 316 -6.24 -14.74 15.31
CA GLN A 316 -5.69 -13.40 15.01
C GLN A 316 -6.81 -12.40 14.77
N MET A 317 -7.87 -12.80 14.05
CA MET A 317 -9.05 -11.96 13.80
C MET A 317 -9.77 -11.63 15.10
N ALA A 318 -9.93 -12.63 15.98
CA ALA A 318 -10.56 -12.41 17.29
C ALA A 318 -9.75 -11.39 18.13
N VAL A 319 -8.40 -11.45 18.10
CA VAL A 319 -7.56 -10.45 18.79
C VAL A 319 -7.81 -9.07 18.11
N ALA A 320 -7.72 -9.02 16.75
CA ALA A 320 -7.87 -7.77 15.99
C ALA A 320 -9.20 -7.07 16.31
N LEU A 321 -10.33 -7.79 16.28
CA LEU A 321 -11.64 -7.18 16.52
C LEU A 321 -11.80 -6.71 17.98
N ALA A 322 -11.25 -7.43 18.96
CA ALA A 322 -11.31 -7.00 20.37
C ALA A 322 -10.46 -5.76 20.57
N HIS A 323 -9.28 -5.68 19.90
CA HIS A 323 -8.44 -4.48 19.99
C HIS A 323 -9.14 -3.28 19.30
N ILE A 324 -9.72 -3.51 18.10
CA ILE A 324 -10.41 -2.46 17.34
C ILE A 324 -11.62 -1.98 18.15
N ARG A 325 -12.35 -2.89 18.82
CA ARG A 325 -13.50 -2.52 19.71
C ARG A 325 -13.03 -1.55 20.76
N HIS A 326 -11.92 -1.88 21.43
CA HIS A 326 -11.34 -1.03 22.48
C HIS A 326 -10.99 0.36 21.94
N VAL A 327 -10.26 0.42 20.81
CA VAL A 327 -9.87 1.71 20.24
C VAL A 327 -11.11 2.52 19.80
N SER A 328 -11.97 1.90 18.97
CA SER A 328 -13.08 2.62 18.37
C SER A 328 -14.26 2.86 19.31
N CYS A 329 -14.40 2.09 20.42
CA CYS A 329 -15.56 2.22 21.31
C CYS A 329 -15.21 2.58 22.76
N ASP A 330 -13.96 2.38 23.21
CA ASP A 330 -13.57 2.73 24.57
C ASP A 330 -12.73 4.00 24.54
N LEU A 331 -11.62 3.99 23.76
CA LEU A 331 -10.77 5.17 23.66
C LEU A 331 -11.46 6.29 22.92
N TYR A 332 -12.37 5.93 21.99
CA TYR A 332 -13.17 6.87 21.20
C TYR A 332 -14.63 6.50 21.34
N PRO A 333 -15.56 7.45 21.14
CA PRO A 333 -16.98 7.17 21.44
C PRO A 333 -17.76 6.49 20.31
N GLY A 334 -17.30 5.31 19.89
CA GLY A 334 -18.00 4.52 18.87
C GLY A 334 -17.83 5.05 17.47
N ILE A 335 -16.59 5.26 17.05
CA ILE A 335 -16.31 5.82 15.71
C ILE A 335 -16.34 4.71 14.64
N PRO A 336 -16.67 5.06 13.37
CA PRO A 336 -16.78 4.03 12.31
C PRO A 336 -15.44 3.34 12.03
N VAL A 337 -15.52 2.05 11.69
CA VAL A 337 -14.33 1.25 11.39
C VAL A 337 -14.25 0.90 9.91
N ILE A 338 -13.03 1.07 9.37
CA ILE A 338 -12.61 0.60 8.04
C ILE A 338 -11.48 -0.40 8.34
N PHE A 339 -11.63 -1.67 7.96
CA PHE A 339 -10.62 -2.68 8.29
C PHE A 339 -10.17 -3.34 7.03
N CYS A 340 -8.99 -2.91 6.53
CA CYS A 340 -8.38 -3.44 5.32
C CYS A 340 -7.44 -4.56 5.66
N GLY A 341 -7.14 -5.36 4.64
CA GLY A 341 -6.05 -6.31 4.76
C GLY A 341 -6.01 -7.43 3.78
N ASP A 342 -4.89 -8.15 3.80
CA ASP A 342 -4.71 -9.43 3.17
C ASP A 342 -5.03 -10.40 4.30
N PHE A 343 -6.26 -10.94 4.31
CA PHE A 343 -6.68 -11.80 5.41
C PHE A 343 -6.31 -13.27 5.17
N ASN A 344 -5.83 -13.60 3.94
CA ASN A 344 -5.46 -14.99 3.59
C ASN A 344 -6.64 -15.94 3.92
N SER A 345 -7.89 -15.46 3.69
N SER A 345 -7.88 -15.48 3.66
CA SER A 345 -9.10 -16.21 3.98
CA SER A 345 -9.08 -16.23 4.03
C SER A 345 -10.12 -16.02 2.89
C SER A 345 -10.19 -16.03 2.99
N THR A 346 -10.60 -17.12 2.31
CA THR A 346 -11.63 -17.05 1.26
C THR A 346 -13.02 -16.91 1.90
N PRO A 347 -14.04 -16.49 1.12
CA PRO A 347 -15.39 -16.30 1.73
C PRO A 347 -16.06 -17.55 2.30
N SER A 348 -15.57 -18.74 1.97
CA SER A 348 -16.20 -19.96 2.50
C SER A 348 -15.55 -20.44 3.80
N THR A 349 -14.58 -19.69 4.36
CA THR A 349 -13.84 -20.10 5.57
C THR A 349 -14.50 -19.67 6.86
N GLY A 350 -13.98 -20.21 7.96
CA GLY A 350 -14.43 -19.89 9.31
C GLY A 350 -14.16 -18.44 9.67
N MET A 351 -12.96 -17.94 9.36
CA MET A 351 -12.61 -16.55 9.66
C MET A 351 -13.58 -15.60 8.96
N TYR A 352 -13.87 -15.84 7.65
CA TYR A 352 -14.79 -14.95 6.97
C TYR A 352 -16.23 -15.03 7.59
N HIS A 353 -16.70 -16.26 7.89
CA HIS A 353 -18.01 -16.48 8.54
C HIS A 353 -18.07 -15.70 9.85
N PHE A 354 -16.98 -15.80 10.66
CA PHE A 354 -16.84 -15.09 11.94
C PHE A 354 -16.97 -13.56 11.76
N VAL A 355 -16.24 -12.96 10.78
CA VAL A 355 -16.32 -11.51 10.51
C VAL A 355 -17.79 -11.08 10.18
N ILE A 356 -18.40 -11.74 9.19
CA ILE A 356 -19.71 -11.37 8.65
C ILE A 356 -20.89 -11.73 9.58
N ASN A 357 -20.81 -12.84 10.32
CA ASN A 357 -21.93 -13.28 11.18
C ASN A 357 -21.81 -12.88 12.64
N GLY A 358 -20.62 -12.46 13.09
CA GLY A 358 -20.40 -12.05 14.48
C GLY A 358 -20.25 -13.21 15.46
N SER A 359 -20.17 -14.43 14.94
CA SER A 359 -20.03 -15.65 15.73
C SER A 359 -19.56 -16.83 14.87
N ILE A 360 -18.96 -17.82 15.53
CA ILE A 360 -18.50 -19.06 14.92
C ILE A 360 -18.68 -20.20 15.94
N PRO A 361 -19.31 -21.33 15.54
CA PRO A 361 -19.50 -22.44 16.49
C PRO A 361 -18.19 -23.21 16.70
N GLU A 362 -18.08 -23.89 17.86
CA GLU A 362 -16.92 -24.70 18.24
C GLU A 362 -16.70 -25.93 17.31
N ASP A 363 -17.74 -26.40 16.62
CA ASP A 363 -17.56 -27.57 15.74
C ASP A 363 -17.13 -27.18 14.30
N HIS A 364 -16.74 -25.91 14.04
CA HIS A 364 -16.28 -25.52 12.70
C HIS A 364 -15.04 -26.33 12.30
N GLU A 365 -14.97 -26.82 11.03
CA GLU A 365 -13.82 -27.62 10.57
C GLU A 365 -12.45 -26.89 10.71
N ASP A 366 -12.47 -25.54 10.70
CA ASP A 366 -11.24 -24.77 10.75
C ASP A 366 -10.53 -24.84 12.10
N TRP A 367 -11.19 -25.35 13.15
CA TRP A 367 -10.54 -25.48 14.46
C TRP A 367 -9.55 -26.64 14.45
N ALA A 368 -9.56 -27.43 13.37
CA ALA A 368 -8.59 -28.51 13.18
C ALA A 368 -7.90 -28.36 11.80
N SER A 369 -7.89 -27.12 11.25
CA SER A 369 -7.35 -26.82 9.91
C SER A 369 -5.94 -27.36 9.67
N ASN A 370 -5.05 -27.34 10.69
CA ASN A 370 -3.65 -27.77 10.54
C ASN A 370 -3.38 -29.16 11.15
N GLY A 371 -4.42 -29.96 11.28
CA GLY A 371 -4.25 -31.31 11.79
C GLY A 371 -4.74 -31.48 13.20
N GLU A 372 -4.73 -32.73 13.67
CA GLU A 372 -5.24 -33.10 14.98
C GLU A 372 -4.40 -32.57 16.13
N GLU A 373 -3.05 -32.60 16.04
CA GLU A 373 -2.19 -32.13 17.14
C GLU A 373 -2.52 -30.68 17.54
N GLU A 374 -2.75 -29.81 16.54
CA GLU A 374 -3.01 -28.38 16.74
C GLU A 374 -4.49 -27.98 16.75
N ARG A 375 -5.39 -28.96 16.95
CA ARG A 375 -6.82 -28.74 17.08
C ARG A 375 -7.10 -27.81 18.29
N CYS A 376 -8.07 -26.88 18.17
CA CYS A 376 -8.43 -25.95 19.24
C CYS A 376 -9.90 -25.52 19.16
N ASN A 377 -10.85 -26.49 19.15
CA ASN A 377 -12.28 -26.17 19.08
C ASN A 377 -12.73 -25.21 20.16
N MET A 378 -13.35 -24.13 19.74
CA MET A 378 -13.85 -23.09 20.60
C MET A 378 -14.90 -22.29 19.87
N SER A 379 -15.73 -21.60 20.63
CA SER A 379 -16.77 -20.75 20.12
C SER A 379 -16.31 -19.31 20.33
N LEU A 380 -16.57 -18.44 19.35
CA LEU A 380 -16.18 -17.02 19.45
C LEU A 380 -17.29 -16.12 18.97
N THR A 381 -17.37 -14.89 19.53
CA THR A 381 -18.32 -13.87 19.09
C THR A 381 -17.67 -12.50 19.10
N HIS A 382 -18.20 -11.58 18.29
CA HIS A 382 -17.79 -10.19 18.28
C HIS A 382 -19.05 -9.37 18.02
N PHE A 383 -19.07 -8.11 18.43
CA PHE A 383 -20.27 -7.29 18.35
C PHE A 383 -20.37 -6.39 17.10
N PHE A 384 -19.32 -6.34 16.24
CA PHE A 384 -19.34 -5.48 15.06
C PHE A 384 -20.28 -5.96 13.96
N LYS A 385 -20.85 -5.02 13.21
CA LYS A 385 -21.72 -5.28 12.05
C LYS A 385 -20.89 -4.88 10.84
N LEU A 386 -20.18 -5.86 10.27
CA LEU A 386 -19.24 -5.62 9.17
C LEU A 386 -19.65 -6.29 7.89
N LYS A 387 -19.31 -5.67 6.76
CA LYS A 387 -19.52 -6.27 5.46
C LYS A 387 -18.32 -5.95 4.59
N SER A 388 -18.09 -6.78 3.57
CA SER A 388 -17.02 -6.58 2.61
C SER A 388 -17.44 -5.50 1.61
N ALA A 389 -16.73 -4.37 1.61
CA ALA A 389 -17.02 -3.24 0.73
C ALA A 389 -16.93 -3.58 -0.76
N CYS A 390 -15.96 -4.42 -1.17
CA CYS A 390 -15.82 -4.82 -2.58
C CYS A 390 -16.44 -6.21 -2.84
N GLY A 391 -17.28 -6.63 -1.91
CA GLY A 391 -17.98 -7.91 -1.96
C GLY A 391 -17.06 -9.10 -1.94
N GLU A 392 -17.36 -10.08 -2.78
CA GLU A 392 -16.60 -11.32 -2.90
C GLU A 392 -16.15 -11.54 -4.35
N PRO A 393 -15.07 -10.86 -4.80
CA PRO A 393 -14.59 -11.10 -6.18
C PRO A 393 -14.18 -12.56 -6.38
N ALA A 394 -14.19 -13.03 -7.64
CA ALA A 394 -13.79 -14.41 -7.93
C ALA A 394 -12.42 -14.67 -7.29
N TYR A 395 -11.52 -13.65 -7.32
CA TYR A 395 -10.21 -13.75 -6.67
C TYR A 395 -9.55 -12.36 -6.55
N THR A 396 -8.64 -12.23 -5.57
CA THR A 396 -7.84 -11.03 -5.35
C THR A 396 -6.37 -11.40 -5.38
N ASN A 397 -6.10 -12.68 -5.58
CA ASN A 397 -4.74 -13.23 -5.60
C ASN A 397 -4.77 -14.28 -6.66
N TYR A 398 -3.88 -14.16 -7.64
CA TYR A 398 -3.95 -15.08 -8.76
C TYR A 398 -2.57 -15.50 -9.18
N VAL A 399 -2.13 -16.65 -8.72
CA VAL A 399 -0.80 -17.11 -9.09
C VAL A 399 -0.92 -18.46 -9.80
N GLY A 400 0.20 -18.94 -10.37
CA GLY A 400 0.18 -20.21 -11.10
C GLY A 400 -0.35 -21.36 -10.27
N GLY A 401 0.07 -21.43 -9.01
CA GLY A 401 -0.29 -22.52 -8.11
C GLY A 401 -1.55 -22.44 -7.29
N PHE A 402 -2.17 -21.24 -7.19
N PHE A 402 -2.15 -21.22 -7.15
CA PHE A 402 -3.39 -20.99 -6.41
CA PHE A 402 -3.34 -20.97 -6.34
C PHE A 402 -4.03 -19.66 -6.83
C PHE A 402 -3.99 -19.61 -6.67
N HIS A 403 -5.33 -19.53 -6.57
CA HIS A 403 -6.08 -18.30 -6.75
C HIS A 403 -7.26 -18.32 -5.78
N GLY A 404 -7.60 -17.15 -5.26
CA GLY A 404 -8.73 -17.01 -4.33
C GLY A 404 -8.96 -15.59 -3.90
N CYS A 405 -10.10 -15.36 -3.26
CA CYS A 405 -10.45 -14.08 -2.71
C CYS A 405 -9.90 -14.02 -1.30
N LEU A 406 -8.79 -13.27 -1.10
CA LEU A 406 -8.11 -13.24 0.21
C LEU A 406 -8.11 -11.91 0.90
N ASP A 407 -8.36 -10.86 0.11
CA ASP A 407 -8.30 -9.46 0.52
C ASP A 407 -9.68 -8.86 0.66
N TYR A 408 -9.84 -7.99 1.65
CA TYR A 408 -11.12 -7.29 1.92
C TYR A 408 -10.90 -5.89 2.44
N ILE A 409 -11.91 -5.04 2.23
CA ILE A 409 -12.07 -3.75 2.86
C ILE A 409 -13.33 -3.94 3.68
N PHE A 410 -13.20 -4.29 4.97
CA PHE A 410 -14.40 -4.50 5.80
C PHE A 410 -14.88 -3.17 6.34
N ILE A 411 -16.18 -2.90 6.30
CA ILE A 411 -16.67 -1.61 6.82
C ILE A 411 -17.78 -1.79 7.81
N ASP A 412 -17.92 -0.85 8.73
CA ASP A 412 -19.06 -0.82 9.66
C ASP A 412 -20.29 -0.54 8.79
N LEU A 413 -21.14 -1.54 8.55
CA LEU A 413 -22.28 -1.40 7.63
C LEU A 413 -23.37 -0.41 8.15
N ASN A 414 -23.37 -0.07 9.44
CA ASN A 414 -24.34 0.90 10.00
C ASN A 414 -23.85 2.33 9.86
N ALA A 415 -22.53 2.51 9.79
CA ALA A 415 -21.95 3.83 9.74
C ALA A 415 -21.44 4.21 8.34
N LEU A 416 -21.14 3.21 7.47
CA LEU A 416 -20.61 3.49 6.14
C LEU A 416 -21.31 2.69 5.06
N GLU A 417 -21.33 3.22 3.84
N GLU A 417 -21.33 3.25 3.85
CA GLU A 417 -21.94 2.52 2.71
CA GLU A 417 -21.98 2.68 2.67
C GLU A 417 -21.07 2.74 1.48
C GLU A 417 -21.05 2.77 1.45
N VAL A 418 -21.10 1.77 0.55
CA VAL A 418 -20.29 1.77 -0.67
C VAL A 418 -21.04 2.48 -1.79
N GLU A 419 -20.42 3.54 -2.31
CA GLU A 419 -20.91 4.38 -3.41
C GLU A 419 -20.41 3.87 -4.75
N GLN A 420 -19.19 3.27 -4.78
CA GLN A 420 -18.59 2.73 -6.00
C GLN A 420 -17.52 1.69 -5.65
N VAL A 421 -17.47 0.63 -6.43
CA VAL A 421 -16.41 -0.40 -6.40
C VAL A 421 -15.65 -0.24 -7.73
N ILE A 422 -14.32 -0.02 -7.69
CA ILE A 422 -13.55 0.13 -8.95
C ILE A 422 -13.36 -1.29 -9.50
N PRO A 423 -13.90 -1.61 -10.70
CA PRO A 423 -13.89 -3.01 -11.13
C PRO A 423 -12.49 -3.62 -11.23
N LEU A 424 -12.39 -4.87 -10.79
CA LEU A 424 -11.14 -5.60 -10.94
C LEU A 424 -10.95 -5.97 -12.39
N PRO A 425 -9.70 -6.18 -12.85
CA PRO A 425 -9.48 -6.65 -14.23
C PRO A 425 -10.20 -7.97 -14.50
N SER A 426 -10.63 -8.17 -15.74
CA SER A 426 -11.31 -9.39 -16.16
C SER A 426 -10.38 -10.61 -16.04
N HIS A 427 -10.97 -11.81 -16.06
CA HIS A 427 -10.19 -13.04 -16.06
C HIS A 427 -9.27 -13.10 -17.28
N GLU A 428 -9.78 -12.62 -18.44
CA GLU A 428 -8.95 -12.60 -19.65
C GLU A 428 -7.71 -11.70 -19.42
N GLU A 429 -7.93 -10.49 -18.90
CA GLU A 429 -6.82 -9.57 -18.66
C GLU A 429 -5.83 -10.13 -17.63
N VAL A 430 -6.32 -10.77 -16.56
CA VAL A 430 -5.51 -11.36 -15.49
C VAL A 430 -4.63 -12.50 -16.03
N THR A 431 -5.15 -13.27 -16.99
CA THR A 431 -4.41 -14.42 -17.50
C THR A 431 -3.63 -14.13 -18.81
N THR A 432 -3.48 -12.83 -19.20
CA THR A 432 -2.74 -12.42 -20.42
C THR A 432 -1.33 -13.02 -20.41
N HIS A 433 -0.65 -12.99 -19.24
CA HIS A 433 0.72 -13.50 -19.09
C HIS A 433 0.69 -14.68 -18.10
N GLN A 434 -0.34 -15.54 -18.27
CA GLN A 434 -0.70 -16.76 -17.51
C GLN A 434 -1.26 -16.41 -16.13
N ALA A 435 -0.44 -15.75 -15.29
CA ALA A 435 -0.90 -15.39 -13.95
C ALA A 435 -0.14 -14.15 -13.46
N LEU A 436 -0.20 -13.89 -12.15
CA LEU A 436 0.42 -12.69 -11.59
C LEU A 436 1.59 -12.98 -10.67
N PRO A 437 2.54 -12.01 -10.51
CA PRO A 437 2.67 -10.74 -11.25
C PRO A 437 3.08 -10.95 -12.71
N SER A 438 3.16 -9.85 -13.45
CA SER A 438 3.49 -9.87 -14.88
C SER A 438 4.10 -8.56 -15.32
N VAL A 439 4.45 -8.45 -16.61
CA VAL A 439 4.91 -7.20 -17.21
C VAL A 439 3.85 -6.10 -17.03
N SER A 440 2.58 -6.50 -16.88
CA SER A 440 1.44 -5.59 -16.79
C SER A 440 0.81 -5.45 -15.42
N HIS A 441 1.29 -6.16 -14.39
CA HIS A 441 0.65 -6.18 -13.07
C HIS A 441 1.74 -6.40 -12.01
N PRO A 442 1.96 -5.46 -11.07
CA PRO A 442 3.17 -5.53 -10.22
C PRO A 442 3.06 -6.29 -8.90
N SER A 443 2.06 -7.13 -8.73
CA SER A 443 1.88 -7.91 -7.48
C SER A 443 1.23 -9.24 -7.82
N ASP A 444 1.22 -10.19 -6.87
CA ASP A 444 0.45 -11.43 -7.04
C ASP A 444 -0.98 -11.18 -6.59
N HIS A 445 -1.24 -10.01 -5.97
CA HIS A 445 -2.59 -9.63 -5.56
C HIS A 445 -3.13 -8.52 -6.46
N ILE A 446 -4.44 -8.31 -6.41
CA ILE A 446 -5.14 -7.27 -7.17
C ILE A 446 -5.66 -6.23 -6.14
N ALA A 447 -5.31 -4.95 -6.34
CA ALA A 447 -5.73 -3.88 -5.46
C ALA A 447 -7.24 -3.77 -5.42
N LEU A 448 -7.79 -3.65 -4.19
CA LEU A 448 -9.20 -3.35 -3.96
C LEU A 448 -9.34 -1.85 -3.85
N VAL A 449 -10.29 -1.26 -4.57
CA VAL A 449 -10.51 0.18 -4.50
C VAL A 449 -11.99 0.45 -4.44
N CYS A 450 -12.42 1.28 -3.49
CA CYS A 450 -13.84 1.62 -3.41
C CYS A 450 -14.03 3.04 -2.87
N ASP A 451 -15.20 3.63 -3.15
CA ASP A 451 -15.59 4.95 -2.67
C ASP A 451 -16.68 4.75 -1.64
N LEU A 452 -16.36 5.14 -0.41
CA LEU A 452 -17.26 5.02 0.73
C LEU A 452 -17.87 6.34 1.10
N LYS A 453 -19.05 6.30 1.72
CA LYS A 453 -19.65 7.52 2.24
C LYS A 453 -20.19 7.27 3.65
N TRP A 454 -20.28 8.32 4.46
CA TRP A 454 -20.85 8.22 5.80
C TRP A 454 -22.35 8.09 5.65
N LYS A 455 -22.96 7.13 6.38
CA LYS A 455 -24.41 6.93 6.36
C LYS A 455 -25.12 8.01 7.19
#